data_9IO2
#
_entry.id   9IO2
#
_entity_poly.entity_id   1
_entity_poly.type   'polypeptide(L)'
_entity_poly.pdbx_seq_one_letter_code
;KKCIAKAILKKAKKLLKKLVNP
;
_entity_poly.pdbx_strand_id   A
#
# COMPACT_ATOMS: atom_id res chain seq x y z
N LYS A 1 -12.18 1.27 13.44
CA LYS A 1 -11.13 1.24 12.43
C LYS A 1 -11.73 1.23 11.03
N LYS A 2 -10.87 1.37 10.01
CA LYS A 2 -11.31 1.37 8.63
C LYS A 2 -10.68 0.20 7.86
N CYS A 3 -11.54 -0.64 7.28
CA CYS A 3 -11.06 -1.79 6.52
C CYS A 3 -10.59 -1.36 5.13
N ILE A 4 -11.39 -0.55 4.46
CA ILE A 4 -11.06 -0.07 3.12
C ILE A 4 -9.82 0.81 3.16
N ALA A 5 -9.70 1.62 4.21
CA ALA A 5 -8.56 2.51 4.36
C ALA A 5 -7.29 1.73 4.66
N LYS A 6 -7.41 0.71 5.49
CA LYS A 6 -6.26 -0.13 5.85
C LYS A 6 -5.78 -0.94 4.66
N ALA A 7 -6.72 -1.38 3.83
CA ALA A 7 -6.39 -2.17 2.65
C ALA A 7 -5.52 -1.37 1.68
N ILE A 8 -6.01 -0.22 1.27
CA ILE A 8 -5.28 0.64 0.34
C ILE A 8 -3.92 1.02 0.91
N LEU A 9 -3.85 1.19 2.23
CA LEU A 9 -2.61 1.55 2.90
C LEU A 9 -1.50 0.54 2.58
N LYS A 10 -1.76 -0.72 2.89
CA LYS A 10 -0.80 -1.79 2.63
C LYS A 10 -0.44 -1.85 1.15
N LYS A 11 -1.41 -1.58 0.30
CA LYS A 11 -1.20 -1.61 -1.15
C LYS A 11 -0.26 -0.48 -1.57
N ALA A 12 -0.52 0.72 -1.08
CA ALA A 12 0.32 1.87 -1.41
C ALA A 12 1.78 1.60 -1.10
N LYS A 13 2.02 0.91 0.00
CA LYS A 13 3.38 0.58 0.42
C LYS A 13 4.04 -0.36 -0.58
N LYS A 14 3.57 -1.60 -0.63
CA LYS A 14 4.11 -2.59 -1.54
C LYS A 14 4.17 -2.05 -2.96
N LEU A 15 3.21 -1.20 -3.32
CA LEU A 15 3.15 -0.61 -4.65
C LEU A 15 4.44 0.16 -4.95
N LEU A 16 4.81 1.06 -4.05
CA LEU A 16 6.02 1.86 -4.21
C LEU A 16 7.26 0.97 -4.27
N LYS A 17 7.18 -0.18 -3.59
CA LYS A 17 8.30 -1.12 -3.56
C LYS A 17 8.43 -1.85 -4.90
N LYS A 18 7.34 -2.45 -5.34
CA LYS A 18 7.33 -3.18 -6.61
C LYS A 18 7.88 -2.32 -7.74
N LEU A 19 7.62 -1.02 -7.66
CA LEU A 19 8.09 -0.08 -8.68
C LEU A 19 9.45 0.50 -8.29
N VAL A 20 9.43 1.44 -7.35
CA VAL A 20 10.66 2.08 -6.88
C VAL A 20 11.61 1.05 -6.27
N ASN A 21 11.13 0.36 -5.24
CA ASN A 21 11.93 -0.65 -4.56
C ASN A 21 13.14 -0.02 -3.89
N PRO A 22 12.88 0.84 -2.89
CA PRO A 22 13.93 1.53 -2.14
C PRO A 22 14.73 0.58 -1.26
N LYS A 1 -12.28 1.75 12.54
CA LYS A 1 -11.41 0.96 11.68
C LYS A 1 -12.01 0.81 10.29
N LYS A 2 -11.34 1.38 9.29
CA LYS A 2 -11.81 1.31 7.91
C LYS A 2 -11.14 0.16 7.17
N CYS A 3 -11.95 -0.71 6.58
CA CYS A 3 -11.43 -1.86 5.84
C CYS A 3 -10.93 -1.43 4.46
N ILE A 4 -11.67 -0.55 3.81
CA ILE A 4 -11.30 -0.06 2.49
C ILE A 4 -10.07 0.84 2.56
N ALA A 5 -9.98 1.62 3.62
CA ALA A 5 -8.85 2.52 3.82
C ALA A 5 -7.57 1.75 4.12
N LYS A 6 -7.70 0.72 4.94
CA LYS A 6 -6.55 -0.11 5.32
C LYS A 6 -6.06 -0.93 4.12
N ALA A 7 -7.00 -1.37 3.28
CA ALA A 7 -6.64 -2.15 2.11
C ALA A 7 -5.76 -1.35 1.16
N ILE A 8 -6.24 -0.19 0.75
CA ILE A 8 -5.49 0.67 -0.16
C ILE A 8 -4.14 1.05 0.44
N LEU A 9 -4.09 1.21 1.75
CA LEU A 9 -2.86 1.57 2.44
C LEU A 9 -1.76 0.57 2.14
N LYS A 10 -2.05 -0.70 2.41
CA LYS A 10 -1.08 -1.77 2.17
C LYS A 10 -0.67 -1.82 0.70
N LYS A 11 -1.63 -1.54 -0.18
CA LYS A 11 -1.37 -1.55 -1.62
C LYS A 11 -0.40 -0.44 -2.00
N ALA A 12 -0.69 0.79 -1.56
CA ALA A 12 0.15 1.94 -1.85
C ALA A 12 1.59 1.67 -1.45
N LYS A 13 1.77 0.95 -0.35
CA LYS A 13 3.10 0.62 0.15
C LYS A 13 3.83 -0.31 -0.82
N LYS A 14 3.38 -1.55 -0.88
CA LYS A 14 3.99 -2.55 -1.75
C LYS A 14 4.11 -2.00 -3.18
N LEU A 15 3.15 -1.18 -3.58
CA LEU A 15 3.16 -0.60 -4.92
C LEU A 15 4.44 0.19 -5.16
N LEU A 16 4.74 1.11 -4.25
CA LEU A 16 5.94 1.93 -4.36
C LEU A 16 7.20 1.06 -4.34
N LYS A 17 7.11 -0.07 -3.67
CA LYS A 17 8.24 -1.00 -3.58
C LYS A 17 8.45 -1.73 -4.89
N LYS A 18 7.40 -2.37 -5.40
CA LYS A 18 7.46 -3.10 -6.65
C LYS A 18 8.06 -2.23 -7.76
N LEU A 19 7.77 -0.93 -7.71
CA LEU A 19 8.28 0.01 -8.70
C LEU A 19 9.60 0.62 -8.25
N VAL A 20 9.51 1.57 -7.32
CA VAL A 20 10.70 2.23 -6.81
C VAL A 20 11.64 1.24 -6.12
N ASN A 21 11.12 0.52 -5.13
CA ASN A 21 11.91 -0.47 -4.40
C ASN A 21 13.07 0.20 -3.67
N PRO A 22 12.74 1.06 -2.69
CA PRO A 22 13.74 1.77 -1.89
C PRO A 22 14.51 0.84 -0.96
N LYS A 1 -11.42 1.87 13.15
CA LYS A 1 -10.74 1.08 12.13
C LYS A 1 -11.34 1.33 10.76
N LYS A 2 -10.67 0.83 9.73
CA LYS A 2 -11.14 1.00 8.36
C LYS A 2 -10.65 -0.14 7.47
N CYS A 3 -11.58 -0.88 6.88
CA CYS A 3 -11.24 -1.99 6.01
C CYS A 3 -10.78 -1.49 4.64
N ILE A 4 -11.47 -0.47 4.13
CA ILE A 4 -11.13 0.10 2.83
C ILE A 4 -9.79 0.82 2.87
N ALA A 5 -9.52 1.49 3.99
CA ALA A 5 -8.27 2.22 4.16
C ALA A 5 -7.10 1.26 4.33
N LYS A 6 -7.27 0.28 5.20
CA LYS A 6 -6.21 -0.71 5.44
C LYS A 6 -5.82 -1.42 4.15
N ALA A 7 -6.80 -1.65 3.28
CA ALA A 7 -6.55 -2.32 2.01
C ALA A 7 -5.66 -1.47 1.12
N ILE A 8 -6.11 -0.26 0.81
CA ILE A 8 -5.35 0.64 -0.04
C ILE A 8 -3.98 0.95 0.55
N LEU A 9 -3.93 1.01 1.88
CA LEU A 9 -2.68 1.28 2.58
C LEU A 9 -1.60 0.29 2.18
N LYS A 10 -1.88 -0.99 2.38
CA LYS A 10 -0.93 -2.05 2.03
C LYS A 10 -0.56 -1.99 0.55
N LYS A 11 -1.53 -1.64 -0.28
CA LYS A 11 -1.30 -1.53 -1.72
C LYS A 11 -0.29 -0.44 -2.03
N ALA A 12 -0.55 0.76 -1.53
CA ALA A 12 0.35 1.89 -1.76
C ALA A 12 1.78 1.54 -1.38
N LYS A 13 1.93 0.74 -0.33
CA LYS A 13 3.25 0.32 0.14
C LYS A 13 3.97 -0.52 -0.91
N LYS A 14 3.52 -1.76 -1.07
CA LYS A 14 4.11 -2.66 -2.05
C LYS A 14 4.20 -2.01 -3.42
N LEU A 15 3.22 -1.17 -3.73
CA LEU A 15 3.19 -0.46 -5.01
C LEU A 15 4.47 0.36 -5.21
N LEU A 16 4.79 1.19 -4.23
CA LEU A 16 5.98 2.02 -4.30
C LEU A 16 7.24 1.18 -4.38
N LYS A 17 7.18 -0.02 -3.81
CA LYS A 17 8.32 -0.93 -3.82
C LYS A 17 8.50 -1.56 -5.20
N LYS A 18 7.44 -2.16 -5.73
CA LYS A 18 7.48 -2.78 -7.04
C LYS A 18 8.04 -1.81 -8.08
N LEU A 19 7.75 -0.53 -7.92
CA LEU A 19 8.22 0.49 -8.84
C LEU A 19 9.56 1.08 -8.37
N VAL A 20 9.49 1.94 -7.36
CA VAL A 20 10.68 2.57 -6.82
C VAL A 20 11.64 1.52 -6.24
N ASN A 21 11.15 0.74 -5.30
CA ASN A 21 11.97 -0.31 -4.67
C ASN A 21 13.14 0.30 -3.92
N PRO A 22 12.82 1.07 -2.86
CA PRO A 22 13.83 1.72 -2.02
C PRO A 22 14.63 0.72 -1.19
N LYS A 1 -9.02 0.09 11.98
CA LYS A 1 -10.46 0.31 11.99
C LYS A 1 -11.04 0.17 10.60
N LYS A 2 -10.70 1.11 9.72
CA LYS A 2 -11.18 1.10 8.35
C LYS A 2 -10.56 -0.07 7.56
N CYS A 3 -11.42 -0.91 6.99
CA CYS A 3 -10.97 -2.05 6.22
C CYS A 3 -10.51 -1.63 4.83
N ILE A 4 -11.36 -0.90 4.12
CA ILE A 4 -11.03 -0.42 2.79
C ILE A 4 -9.81 0.49 2.80
N ALA A 5 -9.71 1.32 3.84
CA ALA A 5 -8.59 2.23 3.98
C ALA A 5 -7.30 1.48 4.28
N LYS A 6 -7.40 0.45 5.12
CA LYS A 6 -6.24 -0.35 5.50
C LYS A 6 -5.73 -1.16 4.30
N ALA A 7 -6.67 -1.63 3.47
CA ALA A 7 -6.32 -2.41 2.29
C ALA A 7 -5.46 -1.60 1.32
N ILE A 8 -5.99 -0.45 0.91
CA ILE A 8 -5.28 0.42 -0.03
C ILE A 8 -3.92 0.82 0.53
N LEU A 9 -3.86 1.00 1.85
CA LEU A 9 -2.62 1.39 2.51
C LEU A 9 -1.50 0.41 2.21
N LYS A 10 -1.75 -0.87 2.50
CA LYS A 10 -0.77 -1.91 2.25
C LYS A 10 -0.37 -1.95 0.78
N LYS A 11 -1.34 -1.70 -0.09
CA LYS A 11 -1.09 -1.70 -1.53
C LYS A 11 -0.16 -0.56 -1.93
N ALA A 12 -0.49 0.65 -1.49
CA ALA A 12 0.32 1.82 -1.80
C ALA A 12 1.78 1.58 -1.44
N LYS A 13 2.00 0.88 -0.34
CA LYS A 13 3.35 0.58 0.13
C LYS A 13 4.08 -0.32 -0.86
N LYS A 14 3.64 -1.58 -0.94
CA LYS A 14 4.25 -2.53 -1.85
C LYS A 14 4.36 -1.96 -3.27
N LEU A 15 3.37 -1.16 -3.64
CA LEU A 15 3.34 -0.54 -4.97
C LEU A 15 4.62 0.27 -5.21
N LEU A 16 4.93 1.16 -4.27
CA LEU A 16 6.12 2.00 -4.39
C LEU A 16 7.39 1.15 -4.39
N LYS A 17 7.32 -0.01 -3.74
CA LYS A 17 8.47 -0.91 -3.67
C LYS A 17 8.69 -1.62 -5.01
N LYS A 18 7.64 -2.28 -5.49
CA LYS A 18 7.72 -2.99 -6.77
C LYS A 18 8.25 -2.09 -7.87
N LEU A 19 7.93 -0.81 -7.79
CA LEU A 19 8.38 0.17 -8.78
C LEU A 19 9.70 0.80 -8.35
N VAL A 20 9.63 1.73 -7.39
CA VAL A 20 10.82 2.41 -6.89
C VAL A 20 11.78 1.42 -6.25
N ASN A 21 11.30 0.70 -5.25
CA ASN A 21 12.12 -0.28 -4.54
C ASN A 21 13.28 0.40 -3.84
N PRO A 22 12.97 1.24 -2.84
CA PRO A 22 13.98 1.96 -2.06
C PRO A 22 14.78 1.05 -1.15
N LYS A 1 -10.47 1.97 12.06
CA LYS A 1 -11.23 0.74 11.89
C LYS A 1 -11.86 0.68 10.50
N LYS A 2 -11.04 0.87 9.48
CA LYS A 2 -11.52 0.83 8.09
C LYS A 2 -10.84 -0.29 7.32
N CYS A 3 -11.65 -1.15 6.71
CA CYS A 3 -11.13 -2.26 5.92
C CYS A 3 -10.64 -1.80 4.56
N ILE A 4 -11.43 -0.97 3.90
CA ILE A 4 -11.08 -0.44 2.59
C ILE A 4 -9.86 0.47 2.67
N ALA A 5 -9.77 1.25 3.74
CA ALA A 5 -8.65 2.16 3.94
C ALA A 5 -7.37 1.40 4.25
N LYS A 6 -7.50 0.34 5.05
CA LYS A 6 -6.34 -0.47 5.42
C LYS A 6 -5.81 -1.26 4.21
N ALA A 7 -6.74 -1.69 3.35
CA ALA A 7 -6.36 -2.44 2.16
C ALA A 7 -5.49 -1.60 1.23
N ILE A 8 -6.00 -0.45 0.84
CA ILE A 8 -5.26 0.45 -0.05
C ILE A 8 -3.91 0.84 0.56
N LEU A 9 -3.88 0.97 1.87
CA LEU A 9 -2.66 1.34 2.58
C LEU A 9 -1.54 0.36 2.26
N LYS A 10 -1.79 -0.92 2.52
CA LYS A 10 -0.80 -1.96 2.25
C LYS A 10 -0.40 -1.97 0.78
N LYS A 11 -1.36 -1.70 -0.10
CA LYS A 11 -1.11 -1.69 -1.53
C LYS A 11 -0.18 -0.53 -1.90
N ALA A 12 -0.46 0.65 -1.37
CA ALA A 12 0.36 1.82 -1.65
C ALA A 12 1.83 1.56 -1.31
N LYS A 13 2.05 0.86 -0.20
CA LYS A 13 3.41 0.54 0.24
C LYS A 13 4.10 -0.38 -0.77
N LYS A 14 3.63 -1.62 -0.86
CA LYS A 14 4.21 -2.59 -1.78
C LYS A 14 4.30 -2.01 -3.19
N LEU A 15 3.34 -1.17 -3.55
CA LEU A 15 3.32 -0.55 -4.87
C LEU A 15 4.61 0.23 -5.12
N LEU A 16 4.96 1.10 -4.18
CA LEU A 16 6.17 1.91 -4.31
C LEU A 16 7.41 1.02 -4.33
N LYS A 17 7.32 -0.14 -3.68
CA LYS A 17 8.43 -1.07 -3.63
C LYS A 17 8.62 -1.78 -4.97
N LYS A 18 7.56 -2.41 -5.45
CA LYS A 18 7.60 -3.11 -6.73
C LYS A 18 8.15 -2.21 -7.84
N LEU A 19 7.86 -0.92 -7.73
CA LEU A 19 8.32 0.05 -8.72
C LEU A 19 9.66 0.64 -8.31
N VAL A 20 9.63 1.57 -7.36
CA VAL A 20 10.84 2.21 -6.87
C VAL A 20 11.79 1.19 -6.24
N ASN A 21 11.30 0.47 -5.23
CA ASN A 21 12.10 -0.53 -4.54
C ASN A 21 13.30 0.11 -3.84
N PRO A 22 13.00 0.95 -2.84
CA PRO A 22 14.05 1.65 -2.07
C PRO A 22 14.83 0.70 -1.18
N LYS A 1 -12.25 2.29 12.79
CA LYS A 1 -11.56 1.31 11.97
C LYS A 1 -12.07 1.33 10.53
N LYS A 2 -11.14 1.23 9.57
CA LYS A 2 -11.51 1.24 8.16
C LYS A 2 -10.84 0.09 7.43
N CYS A 3 -11.65 -0.82 6.88
CA CYS A 3 -11.13 -1.97 6.15
C CYS A 3 -10.65 -1.55 4.76
N ILE A 4 -11.39 -0.63 4.13
CA ILE A 4 -11.04 -0.16 2.80
C ILE A 4 -9.81 0.75 2.85
N ALA A 5 -9.70 1.54 3.91
CA ALA A 5 -8.58 2.45 4.08
C ALA A 5 -7.29 1.68 4.35
N LYS A 6 -7.37 0.65 5.17
CA LYS A 6 -6.21 -0.17 5.51
C LYS A 6 -5.76 -0.98 4.31
N ALA A 7 -6.72 -1.44 3.50
CA ALA A 7 -6.40 -2.22 2.32
C ALA A 7 -5.54 -1.43 1.34
N ILE A 8 -6.03 -0.26 0.95
CA ILE A 8 -5.30 0.60 0.02
C ILE A 8 -3.93 0.98 0.57
N LEU A 9 -3.87 1.16 1.89
CA LEU A 9 -2.62 1.52 2.55
C LEU A 9 -1.52 0.51 2.24
N LYS A 10 -1.80 -0.77 2.48
CA LYS A 10 -0.85 -1.83 2.24
C LYS A 10 -0.46 -1.88 0.76
N LYS A 11 -1.44 -1.60 -0.11
CA LYS A 11 -1.21 -1.61 -1.55
C LYS A 11 -0.26 -0.49 -1.96
N ALA A 12 -0.56 0.73 -1.49
CA ALA A 12 0.26 1.89 -1.80
C ALA A 12 1.72 1.65 -1.44
N LYS A 13 1.94 0.92 -0.34
CA LYS A 13 3.28 0.62 0.12
C LYS A 13 4.00 -0.30 -0.86
N LYS A 14 3.57 -1.56 -0.92
CA LYS A 14 4.16 -2.54 -1.82
C LYS A 14 4.24 -1.98 -3.24
N LEU A 15 3.25 -1.19 -3.61
CA LEU A 15 3.21 -0.59 -4.95
C LEU A 15 4.48 0.22 -5.22
N LEU A 16 4.80 1.12 -4.31
CA LEU A 16 5.99 1.95 -4.45
C LEU A 16 7.26 1.11 -4.46
N LYS A 17 7.20 -0.03 -3.79
CA LYS A 17 8.34 -0.94 -3.71
C LYS A 17 8.55 -1.66 -5.05
N LYS A 18 7.51 -2.33 -5.52
CA LYS A 18 7.56 -3.06 -6.77
C LYS A 18 8.09 -2.17 -7.89
N LEU A 19 7.76 -0.89 -7.83
CA LEU A 19 8.19 0.07 -8.84
C LEU A 19 9.51 0.71 -8.44
N VAL A 20 9.45 1.65 -7.50
CA VAL A 20 10.65 2.34 -7.03
C VAL A 20 11.62 1.37 -6.38
N ASN A 21 11.16 0.66 -5.36
CA ASN A 21 11.99 -0.31 -4.66
C ASN A 21 13.17 0.39 -3.97
N PRO A 22 12.86 1.25 -2.99
CA PRO A 22 13.88 1.99 -2.24
C PRO A 22 14.70 1.09 -1.33
N LYS A 1 -13.27 0.89 12.60
CA LYS A 1 -12.22 0.30 11.77
C LYS A 1 -12.52 0.53 10.29
N LYS A 2 -11.50 0.98 9.55
CA LYS A 2 -11.65 1.24 8.12
C LYS A 2 -11.01 0.12 7.30
N CYS A 3 -11.85 -0.68 6.64
CA CYS A 3 -11.36 -1.78 5.81
C CYS A 3 -10.81 -1.26 4.50
N ILE A 4 -11.60 -0.44 3.81
CA ILE A 4 -11.18 0.12 2.53
C ILE A 4 -9.86 0.86 2.65
N ALA A 5 -9.77 1.72 3.66
CA ALA A 5 -8.55 2.49 3.90
C ALA A 5 -7.35 1.57 4.16
N LYS A 6 -7.51 0.69 5.14
CA LYS A 6 -6.45 -0.25 5.50
C LYS A 6 -5.97 -1.02 4.27
N ALA A 7 -6.90 -1.33 3.37
CA ALA A 7 -6.57 -2.06 2.15
C ALA A 7 -5.66 -1.23 1.25
N ILE A 8 -6.20 -0.13 0.73
CA ILE A 8 -5.44 0.75 -0.15
C ILE A 8 -4.10 1.13 0.48
N LEU A 9 -4.08 1.26 1.80
CA LEU A 9 -2.86 1.62 2.51
C LEU A 9 -1.77 0.58 2.27
N LYS A 10 -2.08 -0.68 2.54
CA LYS A 10 -1.12 -1.76 2.35
C LYS A 10 -0.70 -1.86 0.88
N LYS A 11 -1.64 -1.59 -0.01
CA LYS A 11 -1.36 -1.65 -1.45
C LYS A 11 -0.38 -0.54 -1.86
N ALA A 12 -0.69 0.69 -1.45
CA ALA A 12 0.16 1.82 -1.77
C ALA A 12 1.60 1.58 -1.35
N LYS A 13 1.77 0.89 -0.23
CA LYS A 13 3.10 0.57 0.28
C LYS A 13 3.84 -0.38 -0.64
N LYS A 14 3.40 -1.63 -0.67
CA LYS A 14 4.01 -2.64 -1.52
C LYS A 14 4.14 -2.15 -2.95
N LEU A 15 3.16 -1.35 -3.39
CA LEU A 15 3.17 -0.81 -4.74
C LEU A 15 4.45 -0.02 -5.01
N LEU A 16 4.76 0.92 -4.11
CA LEU A 16 5.96 1.74 -4.25
C LEU A 16 7.22 0.88 -4.20
N LYS A 17 7.14 -0.24 -3.48
CA LYS A 17 8.26 -1.15 -3.36
C LYS A 17 8.49 -1.92 -4.66
N LYS A 18 7.44 -2.58 -5.13
CA LYS A 18 7.52 -3.36 -6.37
C LYS A 18 8.10 -2.52 -7.50
N LEU A 19 7.78 -1.23 -7.49
CA LEU A 19 8.27 -0.32 -8.52
C LEU A 19 9.59 0.32 -8.10
N VAL A 20 9.51 1.29 -7.19
CA VAL A 20 10.70 1.99 -6.71
C VAL A 20 11.64 1.02 -6.00
N ASN A 21 11.14 0.35 -4.97
CA ASN A 21 11.94 -0.61 -4.22
C ASN A 21 13.10 0.09 -3.52
N PRO A 22 12.76 0.98 -2.57
CA PRO A 22 13.77 1.73 -1.80
C PRO A 22 14.55 0.84 -0.84
N LYS A 1 -11.69 2.12 13.09
CA LYS A 1 -10.84 1.60 12.03
C LYS A 1 -11.61 1.52 10.71
N LYS A 2 -10.90 1.63 9.60
CA LYS A 2 -11.51 1.56 8.28
C LYS A 2 -11.00 0.35 7.51
N CYS A 3 -11.93 -0.39 6.92
CA CYS A 3 -11.57 -1.58 6.14
C CYS A 3 -11.05 -1.19 4.76
N ILE A 4 -11.82 -0.38 4.04
CA ILE A 4 -11.43 0.07 2.72
C ILE A 4 -10.16 0.90 2.76
N ALA A 5 -10.02 1.70 3.82
CA ALA A 5 -8.84 2.54 3.98
C ALA A 5 -7.60 1.70 4.28
N LYS A 6 -7.76 0.69 5.12
CA LYS A 6 -6.66 -0.19 5.49
C LYS A 6 -6.18 -0.98 4.29
N ALA A 7 -7.11 -1.37 3.43
CA ALA A 7 -6.78 -2.15 2.23
C ALA A 7 -5.88 -1.35 1.30
N ILE A 8 -6.35 -0.18 0.89
CA ILE A 8 -5.58 0.69 -0.01
C ILE A 8 -4.23 1.05 0.61
N LEU A 9 -4.20 1.21 1.92
CA LEU A 9 -2.97 1.55 2.63
C LEU A 9 -1.86 0.54 2.31
N LYS A 10 -2.13 -0.72 2.61
CA LYS A 10 -1.16 -1.79 2.37
C LYS A 10 -0.75 -1.82 0.90
N LYS A 11 -1.71 -1.54 0.02
CA LYS A 11 -1.46 -1.55 -1.41
C LYS A 11 -0.41 -0.49 -1.77
N ALA A 12 -0.68 0.76 -1.39
CA ALA A 12 0.24 1.85 -1.67
C ALA A 12 1.66 1.51 -1.22
N LYS A 13 1.76 0.79 -0.11
CA LYS A 13 3.06 0.40 0.44
C LYS A 13 3.81 -0.50 -0.53
N LYS A 14 3.38 -1.75 -0.63
CA LYS A 14 4.01 -2.71 -1.54
C LYS A 14 4.12 -2.13 -2.94
N LEU A 15 3.13 -1.34 -3.34
CA LEU A 15 3.13 -0.73 -4.66
C LEU A 15 4.39 0.10 -4.89
N LEU A 16 4.67 1.01 -3.96
CA LEU A 16 5.85 1.86 -4.06
C LEU A 16 7.13 1.02 -4.03
N LYS A 17 7.06 -0.14 -3.38
CA LYS A 17 8.21 -1.03 -3.28
C LYS A 17 8.47 -1.73 -4.60
N LYS A 18 7.46 -2.42 -5.11
CA LYS A 18 7.57 -3.15 -6.38
C LYS A 18 8.11 -2.23 -7.47
N LEU A 19 7.75 -0.95 -7.40
CA LEU A 19 8.21 0.02 -8.38
C LEU A 19 9.51 0.68 -7.94
N VAL A 20 9.41 1.61 -7.00
CA VAL A 20 10.58 2.31 -6.49
C VAL A 20 11.55 1.34 -5.81
N ASN A 21 11.06 0.63 -4.80
CA ASN A 21 11.88 -0.33 -4.08
C ASN A 21 13.03 0.36 -3.36
N PRO A 22 12.68 1.22 -2.38
CA PRO A 22 13.67 1.97 -1.60
C PRO A 22 14.46 1.07 -0.66
N LYS A 1 -11.82 2.45 12.73
CA LYS A 1 -11.14 1.46 11.89
C LYS A 1 -11.86 1.32 10.55
N LYS A 2 -11.08 1.36 9.46
CA LYS A 2 -11.64 1.23 8.12
C LYS A 2 -10.99 0.08 7.37
N CYS A 3 -11.81 -0.77 6.78
CA CYS A 3 -11.30 -1.92 6.03
C CYS A 3 -10.80 -1.49 4.65
N ILE A 4 -11.55 -0.60 4.01
CA ILE A 4 -11.17 -0.11 2.68
C ILE A 4 -9.94 0.78 2.75
N ALA A 5 -9.84 1.57 3.82
CA ALA A 5 -8.70 2.46 4.02
C ALA A 5 -7.43 1.67 4.31
N LYS A 6 -7.57 0.63 5.13
CA LYS A 6 -6.43 -0.21 5.49
C LYS A 6 -5.93 -1.01 4.30
N ALA A 7 -6.87 -1.44 3.45
CA ALA A 7 -6.53 -2.22 2.26
C ALA A 7 -5.64 -1.42 1.32
N ILE A 8 -6.11 -0.24 0.93
CA ILE A 8 -5.36 0.62 0.02
C ILE A 8 -4.01 0.99 0.62
N LEU A 9 -3.96 1.14 1.93
CA LEU A 9 -2.72 1.49 2.64
C LEU A 9 -1.62 0.49 2.31
N LYS A 10 -1.86 -0.77 2.65
CA LYS A 10 -0.88 -1.83 2.38
C LYS A 10 -0.51 -1.87 0.90
N LYS A 11 -1.49 -1.61 0.04
CA LYS A 11 -1.27 -1.62 -1.40
C LYS A 11 -0.30 -0.52 -1.81
N ALA A 12 -0.58 0.71 -1.37
CA ALA A 12 0.28 1.84 -1.68
C ALA A 12 1.73 1.56 -1.31
N LYS A 13 1.92 0.84 -0.22
CA LYS A 13 3.27 0.50 0.24
C LYS A 13 3.97 -0.41 -0.75
N LYS A 14 3.54 -1.67 -0.81
CA LYS A 14 4.12 -2.65 -1.72
C LYS A 14 4.18 -2.09 -3.15
N LEU A 15 3.19 -1.28 -3.50
CA LEU A 15 3.14 -0.68 -4.83
C LEU A 15 4.41 0.12 -5.11
N LEU A 16 4.74 1.04 -4.20
CA LEU A 16 5.93 1.87 -4.36
C LEU A 16 7.19 1.02 -4.39
N LYS A 17 7.14 -0.13 -3.73
CA LYS A 17 8.29 -1.04 -3.69
C LYS A 17 8.46 -1.76 -5.02
N LYS A 18 7.39 -2.39 -5.48
CA LYS A 18 7.41 -3.12 -6.75
C LYS A 18 7.96 -2.23 -7.87
N LEU A 19 7.66 -0.95 -7.80
CA LEU A 19 8.12 0.01 -8.80
C LEU A 19 9.44 0.63 -8.40
N VAL A 20 9.39 1.57 -7.46
CA VAL A 20 10.58 2.25 -6.97
C VAL A 20 11.56 1.25 -6.34
N ASN A 21 11.09 0.52 -5.33
CA ASN A 21 11.91 -0.46 -4.64
C ASN A 21 13.09 0.22 -3.95
N PRO A 22 12.79 1.06 -2.95
CA PRO A 22 13.82 1.78 -2.18
C PRO A 22 14.63 0.84 -1.29
N LYS A 1 -12.86 0.98 12.66
CA LYS A 1 -11.74 1.05 11.73
C LYS A 1 -12.23 1.01 10.28
N LYS A 2 -11.44 1.56 9.37
CA LYS A 2 -11.79 1.58 7.96
C LYS A 2 -11.20 0.39 7.23
N CYS A 3 -12.05 -0.42 6.62
CA CYS A 3 -11.60 -1.60 5.88
C CYS A 3 -11.08 -1.21 4.51
N ILE A 4 -11.82 -0.38 3.80
CA ILE A 4 -11.43 0.07 2.47
C ILE A 4 -10.15 0.90 2.52
N ALA A 5 -10.03 1.72 3.56
CA ALA A 5 -8.86 2.56 3.74
C ALA A 5 -7.62 1.73 4.09
N LYS A 6 -7.81 0.75 4.97
CA LYS A 6 -6.71 -0.12 5.39
C LYS A 6 -6.20 -0.96 4.22
N ALA A 7 -7.11 -1.36 3.34
CA ALA A 7 -6.75 -2.16 2.17
C ALA A 7 -5.83 -1.37 1.24
N ILE A 8 -6.32 -0.24 0.74
CA ILE A 8 -5.55 0.59 -0.16
C ILE A 8 -4.20 0.96 0.44
N LEU A 9 -4.17 1.13 1.76
CA LEU A 9 -2.95 1.48 2.46
C LEU A 9 -1.86 0.44 2.21
N LYS A 10 -2.17 -0.81 2.54
CA LYS A 10 -1.23 -1.91 2.35
C LYS A 10 -0.75 -1.96 0.89
N LYS A 11 -1.64 -1.65 -0.03
CA LYS A 11 -1.31 -1.66 -1.45
C LYS A 11 -0.38 -0.51 -1.81
N ALA A 12 -0.67 0.67 -1.27
CA ALA A 12 0.15 1.85 -1.53
C ALA A 12 1.61 1.58 -1.19
N LYS A 13 1.84 0.83 -0.12
CA LYS A 13 3.19 0.50 0.31
C LYS A 13 3.85 -0.47 -0.66
N LYS A 14 3.31 -1.67 -0.75
CA LYS A 14 3.84 -2.70 -1.65
C LYS A 14 4.03 -2.14 -3.06
N LEU A 15 3.14 -1.23 -3.45
CA LEU A 15 3.20 -0.61 -4.77
C LEU A 15 4.51 0.16 -4.95
N LEU A 16 4.78 1.06 -4.01
CA LEU A 16 5.99 1.87 -4.07
C LEU A 16 7.23 0.99 -4.11
N LYS A 17 7.13 -0.20 -3.54
CA LYS A 17 8.24 -1.14 -3.51
C LYS A 17 8.44 -1.77 -4.88
N LYS A 18 7.39 -2.38 -5.42
CA LYS A 18 7.45 -3.02 -6.73
C LYS A 18 8.03 -2.06 -7.77
N LEU A 19 7.75 -0.78 -7.61
CA LEU A 19 8.25 0.23 -8.54
C LEU A 19 9.58 0.80 -8.07
N VAL A 20 9.53 1.67 -7.06
CA VAL A 20 10.74 2.28 -6.51
C VAL A 20 11.66 1.23 -5.91
N ASN A 21 11.14 0.46 -4.96
CA ASN A 21 11.91 -0.58 -4.31
C ASN A 21 13.10 0.02 -3.54
N PRO A 22 12.78 0.81 -2.50
CA PRO A 22 13.80 1.46 -1.66
C PRO A 22 14.56 0.46 -0.80
N LYS A 1 -12.28 1.59 12.51
CA LYS A 1 -11.47 0.67 11.71
C LYS A 1 -11.97 0.61 10.27
N LYS A 2 -11.31 1.34 9.38
CA LYS A 2 -11.68 1.36 7.97
C LYS A 2 -11.04 0.21 7.22
N CYS A 3 -11.87 -0.64 6.61
CA CYS A 3 -11.38 -1.78 5.85
C CYS A 3 -10.86 -1.35 4.49
N ILE A 4 -11.62 -0.49 3.82
CA ILE A 4 -11.22 -0.01 2.50
C ILE A 4 -9.98 0.88 2.58
N ALA A 5 -9.89 1.66 3.65
CA ALA A 5 -8.75 2.55 3.85
C ALA A 5 -7.49 1.75 4.18
N LYS A 6 -7.63 0.70 4.97
CA LYS A 6 -6.51 -0.13 5.36
C LYS A 6 -6.00 -0.93 4.16
N ALA A 7 -6.92 -1.36 3.30
CA ALA A 7 -6.56 -2.12 2.12
C ALA A 7 -5.66 -1.32 1.19
N ILE A 8 -6.13 -0.14 0.79
CA ILE A 8 -5.37 0.73 -0.10
C ILE A 8 -4.02 1.09 0.52
N LEU A 9 -3.99 1.23 1.83
CA LEU A 9 -2.76 1.57 2.54
C LEU A 9 -1.66 0.57 2.23
N LYS A 10 -1.91 -0.70 2.55
CA LYS A 10 -0.93 -1.75 2.30
C LYS A 10 -0.53 -1.77 0.83
N LYS A 11 -1.47 -1.49 -0.05
CA LYS A 11 -1.21 -1.48 -1.48
C LYS A 11 -0.26 -0.35 -1.86
N ALA A 12 -0.49 0.83 -1.28
CA ALA A 12 0.34 1.99 -1.54
C ALA A 12 1.81 1.70 -1.24
N LYS A 13 2.04 1.00 -0.13
CA LYS A 13 3.41 0.65 0.27
C LYS A 13 4.05 -0.28 -0.74
N LYS A 14 3.52 -1.50 -0.84
CA LYS A 14 4.03 -2.49 -1.77
C LYS A 14 4.15 -1.91 -3.18
N LEU A 15 3.22 -1.03 -3.52
CA LEU A 15 3.21 -0.39 -4.84
C LEU A 15 4.53 0.34 -5.09
N LEU A 16 4.92 1.19 -4.16
CA LEU A 16 6.17 1.94 -4.29
C LEU A 16 7.37 1.01 -4.33
N LYS A 17 7.23 -0.15 -3.68
CA LYS A 17 8.30 -1.13 -3.65
C LYS A 17 8.46 -1.83 -4.99
N LYS A 18 7.37 -2.43 -5.47
CA LYS A 18 7.38 -3.13 -6.75
C LYS A 18 7.95 -2.24 -7.85
N LEU A 19 7.71 -0.94 -7.74
CA LEU A 19 8.21 0.01 -8.73
C LEU A 19 9.57 0.56 -8.32
N VAL A 20 9.58 1.47 -7.36
CA VAL A 20 10.82 2.07 -6.88
C VAL A 20 11.73 1.01 -6.25
N ASN A 21 11.22 0.32 -5.25
CA ASN A 21 11.99 -0.72 -4.56
C ASN A 21 13.21 -0.13 -3.87
N PRO A 22 12.97 0.73 -2.87
CA PRO A 22 14.03 1.38 -2.11
C PRO A 22 14.79 0.40 -1.22
N LYS A 1 -11.29 2.51 13.10
CA LYS A 1 -10.89 1.35 12.33
C LYS A 1 -11.49 1.40 10.92
N LYS A 2 -10.63 1.54 9.92
CA LYS A 2 -11.08 1.60 8.53
C LYS A 2 -10.59 0.39 7.75
N CYS A 3 -11.53 -0.35 7.17
CA CYS A 3 -11.20 -1.54 6.40
C CYS A 3 -10.73 -1.16 5.00
N ILE A 4 -11.54 -0.37 4.30
CA ILE A 4 -11.20 0.06 2.95
C ILE A 4 -9.88 0.81 2.92
N ALA A 5 -9.65 1.65 3.93
CA ALA A 5 -8.42 2.42 4.02
C ALA A 5 -7.23 1.52 4.33
N LYS A 6 -7.39 0.66 5.33
CA LYS A 6 -6.33 -0.26 5.73
C LYS A 6 -5.83 -1.07 4.52
N ALA A 7 -6.76 -1.41 3.63
CA ALA A 7 -6.42 -2.18 2.44
C ALA A 7 -5.55 -1.36 1.49
N ILE A 8 -6.11 -0.27 0.97
CA ILE A 8 -5.39 0.59 0.05
C ILE A 8 -4.05 1.03 0.63
N LEU A 9 -4.01 1.21 1.95
CA LEU A 9 -2.79 1.61 2.64
C LEU A 9 -1.67 0.61 2.39
N LYS A 10 -1.93 -0.65 2.75
CA LYS A 10 -0.94 -1.71 2.57
C LYS A 10 -0.54 -1.83 1.10
N LYS A 11 -1.50 -1.61 0.21
CA LYS A 11 -1.24 -1.70 -1.23
C LYS A 11 -0.32 -0.58 -1.68
N ALA A 12 -0.63 0.64 -1.25
CA ALA A 12 0.18 1.80 -1.62
C ALA A 12 1.64 1.59 -1.26
N LYS A 13 1.89 0.94 -0.13
CA LYS A 13 3.25 0.67 0.32
C LYS A 13 3.94 -0.32 -0.61
N LYS A 14 3.48 -1.57 -0.59
CA LYS A 14 4.05 -2.61 -1.43
C LYS A 14 4.16 -2.14 -2.88
N LEU A 15 3.19 -1.32 -3.30
CA LEU A 15 3.18 -0.80 -4.67
C LEU A 15 4.42 0.05 -4.94
N LEU A 16 4.69 0.98 -4.03
CA LEU A 16 5.84 1.86 -4.18
C LEU A 16 7.15 1.06 -4.22
N LYS A 17 7.13 -0.10 -3.56
CA LYS A 17 8.31 -0.96 -3.53
C LYS A 17 8.51 -1.67 -4.86
N LYS A 18 7.47 -2.36 -5.33
CA LYS A 18 7.54 -3.07 -6.59
C LYS A 18 8.03 -2.16 -7.70
N LEU A 19 7.68 -0.89 -7.62
CA LEU A 19 8.09 0.09 -8.62
C LEU A 19 9.40 0.77 -8.22
N VAL A 20 9.32 1.69 -7.27
CA VAL A 20 10.50 2.41 -6.80
C VAL A 20 11.51 1.45 -6.16
N ASN A 21 11.05 0.71 -5.15
CA ASN A 21 11.91 -0.25 -4.46
C ASN A 21 13.07 0.48 -3.76
N PRO A 22 12.74 1.30 -2.77
CA PRO A 22 13.73 2.06 -1.99
C PRO A 22 14.58 1.16 -1.09
N LYS A 1 -8.90 0.47 11.84
CA LYS A 1 -10.19 1.12 12.04
C LYS A 1 -11.12 0.85 10.86
N LYS A 2 -10.59 0.95 9.65
CA LYS A 2 -11.37 0.71 8.44
C LYS A 2 -10.75 -0.41 7.61
N CYS A 3 -11.61 -1.21 6.98
CA CYS A 3 -11.15 -2.32 6.15
C CYS A 3 -10.66 -1.82 4.80
N ILE A 4 -11.41 -0.91 4.19
CA ILE A 4 -11.05 -0.36 2.90
C ILE A 4 -9.83 0.55 3.02
N ALA A 5 -9.74 1.28 4.12
CA ALA A 5 -8.64 2.19 4.36
C ALA A 5 -7.33 1.42 4.57
N LYS A 6 -7.40 0.35 5.34
CA LYS A 6 -6.23 -0.47 5.62
C LYS A 6 -5.79 -1.23 4.37
N ALA A 7 -6.76 -1.66 3.57
CA ALA A 7 -6.47 -2.39 2.33
C ALA A 7 -5.60 -1.56 1.40
N ILE A 8 -6.07 -0.35 1.09
CA ILE A 8 -5.34 0.54 0.20
C ILE A 8 -3.97 0.90 0.77
N LEU A 9 -3.91 1.02 2.10
CA LEU A 9 -2.66 1.35 2.77
C LEU A 9 -1.58 0.34 2.46
N LYS A 10 -1.88 -0.94 2.68
CA LYS A 10 -0.94 -2.01 2.42
C LYS A 10 -0.53 -2.03 0.94
N LYS A 11 -1.48 -1.72 0.07
CA LYS A 11 -1.22 -1.69 -1.36
C LYS A 11 -0.29 -0.53 -1.74
N ALA A 12 -0.57 0.64 -1.17
CA ALA A 12 0.24 1.82 -1.44
C ALA A 12 1.71 1.55 -1.13
N LYS A 13 1.96 0.81 -0.05
CA LYS A 13 3.32 0.49 0.36
C LYS A 13 3.97 -0.46 -0.63
N LYS A 14 3.45 -1.68 -0.72
CA LYS A 14 3.97 -2.69 -1.62
C LYS A 14 4.11 -2.13 -3.03
N LEU A 15 3.19 -1.25 -3.41
CA LEU A 15 3.21 -0.64 -4.73
C LEU A 15 4.47 0.20 -4.93
N LEU A 16 4.73 1.11 -4.00
CA LEU A 16 5.90 1.97 -4.08
C LEU A 16 7.18 1.14 -4.16
N LYS A 17 7.14 -0.06 -3.60
CA LYS A 17 8.28 -0.96 -3.62
C LYS A 17 8.49 -1.56 -5.01
N LYS A 18 7.46 -2.22 -5.51
CA LYS A 18 7.51 -2.84 -6.83
C LYS A 18 8.00 -1.85 -7.88
N LEU A 19 7.65 -0.58 -7.69
CA LEU A 19 8.06 0.47 -8.62
C LEU A 19 9.39 1.10 -8.19
N VAL A 20 9.33 1.95 -7.17
CA VAL A 20 10.52 2.61 -6.66
C VAL A 20 11.52 1.59 -6.10
N ASN A 21 11.06 0.81 -5.13
CA ASN A 21 11.92 -0.21 -4.51
C ASN A 21 13.09 0.44 -3.78
N PRO A 22 12.77 1.22 -2.73
CA PRO A 22 13.79 1.90 -1.93
C PRO A 22 14.63 0.94 -1.10
N LYS A 1 -11.94 2.01 13.23
CA LYS A 1 -11.01 1.61 12.18
C LYS A 1 -11.73 1.46 10.84
N LYS A 2 -10.98 1.56 9.76
CA LYS A 2 -11.55 1.44 8.42
C LYS A 2 -10.91 0.29 7.66
N CYS A 3 -11.74 -0.57 7.07
CA CYS A 3 -11.25 -1.71 6.31
C CYS A 3 -10.77 -1.27 4.92
N ILE A 4 -11.53 -0.40 4.29
CA ILE A 4 -11.18 0.10 2.96
C ILE A 4 -9.94 0.98 3.01
N ALA A 5 -9.83 1.77 4.08
CA ALA A 5 -8.68 2.66 4.25
C ALA A 5 -7.41 1.88 4.54
N LYS A 6 -7.53 0.83 5.35
CA LYS A 6 -6.39 -0.01 5.70
C LYS A 6 -5.92 -0.81 4.50
N ALA A 7 -6.86 -1.23 3.66
CA ALA A 7 -6.53 -2.01 2.48
C ALA A 7 -5.66 -1.21 1.52
N ILE A 8 -6.14 -0.04 1.13
CA ILE A 8 -5.40 0.83 0.21
C ILE A 8 -4.03 1.19 0.79
N LEU A 9 -3.98 1.34 2.10
CA LEU A 9 -2.72 1.69 2.78
C LEU A 9 -1.63 0.69 2.45
N LYS A 10 -1.90 -0.59 2.73
CA LYS A 10 -0.94 -1.65 2.46
C LYS A 10 -0.59 -1.70 0.98
N LYS A 11 -1.57 -1.42 0.13
CA LYS A 11 -1.36 -1.43 -1.31
C LYS A 11 -0.38 -0.33 -1.73
N ALA A 12 -0.65 0.89 -1.27
CA ALA A 12 0.20 2.03 -1.59
C ALA A 12 1.65 1.75 -1.22
N LYS A 13 1.85 1.03 -0.13
CA LYS A 13 3.19 0.69 0.33
C LYS A 13 3.89 -0.24 -0.66
N LYS A 14 3.43 -1.49 -0.72
CA LYS A 14 4.00 -2.47 -1.62
C LYS A 14 4.08 -1.92 -3.05
N LEU A 15 3.10 -1.11 -3.42
CA LEU A 15 3.06 -0.51 -4.75
C LEU A 15 4.34 0.26 -5.04
N LEU A 16 4.70 1.15 -4.12
CA LEU A 16 5.91 1.96 -4.28
C LEU A 16 7.16 1.08 -4.27
N LYS A 17 7.07 -0.06 -3.59
CA LYS A 17 8.19 -0.99 -3.52
C LYS A 17 8.39 -1.72 -4.83
N LYS A 18 7.35 -2.43 -5.28
CA LYS A 18 7.41 -3.17 -6.53
C LYS A 18 7.90 -2.28 -7.67
N LEU A 19 7.55 -1.00 -7.59
CA LEU A 19 7.96 -0.04 -8.62
C LEU A 19 9.30 0.60 -8.27
N VAL A 20 9.28 1.54 -7.35
CA VAL A 20 10.49 2.23 -6.92
C VAL A 20 11.47 1.25 -6.27
N ASN A 21 11.02 0.59 -5.21
CA ASN A 21 11.87 -0.37 -4.49
C ASN A 21 13.07 0.32 -3.87
N PRO A 22 12.79 1.21 -2.90
CA PRO A 22 13.84 1.96 -2.20
C PRO A 22 14.67 1.07 -1.28
N LYS A 1 -11.48 1.49 13.12
CA LYS A 1 -10.58 1.20 12.02
C LYS A 1 -11.35 0.93 10.73
N LYS A 2 -10.84 1.46 9.62
CA LYS A 2 -11.48 1.28 8.32
C LYS A 2 -10.86 0.12 7.56
N CYS A 3 -11.70 -0.72 6.98
CA CYS A 3 -11.23 -1.87 6.22
C CYS A 3 -10.74 -1.46 4.84
N ILE A 4 -11.50 -0.56 4.20
CA ILE A 4 -11.14 -0.09 2.87
C ILE A 4 -9.91 0.80 2.92
N ALA A 5 -9.79 1.59 3.99
CA ALA A 5 -8.66 2.49 4.16
C ALA A 5 -7.38 1.71 4.44
N LYS A 6 -7.49 0.66 5.25
CA LYS A 6 -6.35 -0.17 5.60
C LYS A 6 -5.86 -0.96 4.39
N ALA A 7 -6.80 -1.39 3.56
CA ALA A 7 -6.48 -2.16 2.37
C ALA A 7 -5.61 -1.35 1.42
N ILE A 8 -6.11 -0.18 1.02
CA ILE A 8 -5.37 0.70 0.11
C ILE A 8 -4.00 1.07 0.69
N LEU A 9 -3.95 1.21 2.00
CA LEU A 9 -2.70 1.57 2.68
C LEU A 9 -1.60 0.57 2.34
N LYS A 10 -1.84 -0.70 2.64
CA LYS A 10 -0.88 -1.74 2.36
C LYS A 10 -0.50 -1.77 0.88
N LYS A 11 -1.48 -1.50 0.03
CA LYS A 11 -1.26 -1.48 -1.42
C LYS A 11 -0.27 -0.39 -1.81
N ALA A 12 -0.56 0.84 -1.38
CA ALA A 12 0.31 1.97 -1.68
C ALA A 12 1.75 1.67 -1.30
N LYS A 13 1.93 0.94 -0.20
CA LYS A 13 3.26 0.59 0.28
C LYS A 13 3.98 -0.30 -0.73
N LYS A 14 3.54 -1.55 -0.82
CA LYS A 14 4.15 -2.51 -1.75
C LYS A 14 4.22 -1.92 -3.16
N LEU A 15 3.23 -1.12 -3.51
CA LEU A 15 3.18 -0.50 -4.83
C LEU A 15 4.45 0.31 -5.09
N LEU A 16 4.80 1.19 -4.16
CA LEU A 16 5.99 2.02 -4.28
C LEU A 16 7.25 1.16 -4.28
N LYS A 17 7.18 0.01 -3.63
CA LYS A 17 8.31 -0.91 -3.57
C LYS A 17 8.53 -1.60 -4.90
N LYS A 18 7.51 -2.33 -5.37
CA LYS A 18 7.59 -3.04 -6.64
C LYS A 18 8.08 -2.11 -7.75
N LEU A 19 7.71 -0.84 -7.65
CA LEU A 19 8.10 0.16 -8.66
C LEU A 19 9.43 0.80 -8.29
N VAL A 20 9.38 1.74 -7.33
CA VAL A 20 10.57 2.43 -6.88
C VAL A 20 11.57 1.46 -6.25
N ASN A 21 11.12 0.77 -5.21
CA ASN A 21 11.98 -0.19 -4.51
C ASN A 21 13.17 0.51 -3.85
N PRO A 22 12.88 1.36 -2.87
CA PRO A 22 13.90 2.11 -2.14
C PRO A 22 14.75 1.22 -1.24
N LYS A 1 -12.21 1.65 12.92
CA LYS A 1 -11.19 1.25 11.94
C LYS A 1 -11.81 1.04 10.57
N LYS A 2 -11.29 1.74 9.58
CA LYS A 2 -11.80 1.64 8.21
C LYS A 2 -11.15 0.45 7.49
N CYS A 3 -11.98 -0.42 6.93
CA CYS A 3 -11.50 -1.58 6.20
C CYS A 3 -11.02 -1.21 4.81
N ILE A 4 -11.88 -0.54 4.05
CA ILE A 4 -11.55 -0.12 2.70
C ILE A 4 -10.33 0.80 2.69
N ALA A 5 -10.26 1.68 3.68
CA ALA A 5 -9.15 2.61 3.79
C ALA A 5 -7.85 1.87 4.17
N LYS A 6 -7.97 0.91 5.07
CA LYS A 6 -6.82 0.13 5.51
C LYS A 6 -6.28 -0.73 4.39
N ALA A 7 -7.18 -1.24 3.55
CA ALA A 7 -6.78 -2.09 2.44
C ALA A 7 -5.92 -1.32 1.44
N ILE A 8 -6.45 -0.21 0.95
CA ILE A 8 -5.72 0.62 -0.01
C ILE A 8 -4.39 1.09 0.57
N LEU A 9 -4.37 1.34 1.87
CA LEU A 9 -3.16 1.80 2.54
C LEU A 9 -2.02 0.80 2.32
N LYS A 10 -2.25 -0.45 2.70
CA LYS A 10 -1.23 -1.49 2.54
C LYS A 10 -0.80 -1.60 1.09
N LYS A 11 -1.75 -1.42 0.17
CA LYS A 11 -1.46 -1.50 -1.26
C LYS A 11 -0.56 -0.34 -1.69
N ALA A 12 -0.84 0.85 -1.18
CA ALA A 12 -0.05 2.03 -1.52
C ALA A 12 1.43 1.81 -1.21
N LYS A 13 1.70 1.27 -0.02
CA LYS A 13 3.08 1.01 0.38
C LYS A 13 3.76 0.02 -0.55
N LYS A 14 3.25 -1.20 -0.57
CA LYS A 14 3.79 -2.25 -1.43
C LYS A 14 3.92 -1.76 -2.87
N LEU A 15 2.96 -0.94 -3.29
CA LEU A 15 2.97 -0.40 -4.64
C LEU A 15 4.28 0.33 -4.94
N LEU A 16 4.66 1.24 -4.05
CA LEU A 16 5.89 2.00 -4.21
C LEU A 16 7.10 1.09 -4.16
N LYS A 17 6.97 -0.03 -3.44
CA LYS A 17 8.07 -0.98 -3.31
C LYS A 17 8.25 -1.78 -4.60
N LYS A 18 7.20 -2.47 -5.03
CA LYS A 18 7.25 -3.26 -6.25
C LYS A 18 7.77 -2.43 -7.42
N LEU A 19 7.47 -1.13 -7.40
CA LEU A 19 7.92 -0.24 -8.46
C LEU A 19 9.28 0.37 -8.11
N VAL A 20 9.27 1.36 -7.23
CA VAL A 20 10.50 2.02 -6.81
C VAL A 20 11.45 1.05 -6.11
N ASN A 21 10.97 0.43 -5.04
CA ASN A 21 11.76 -0.52 -4.28
C ASN A 21 12.99 0.16 -3.65
N PRO A 22 12.73 1.10 -2.72
CA PRO A 22 13.79 1.83 -2.04
C PRO A 22 14.59 0.95 -1.07
N LYS A 1 -9.61 2.12 11.88
CA LYS A 1 -9.96 0.70 11.93
C LYS A 1 -10.90 0.33 10.81
N LYS A 2 -10.62 0.83 9.60
CA LYS A 2 -11.45 0.55 8.44
C LYS A 2 -10.82 -0.54 7.57
N CYS A 3 -11.67 -1.33 6.92
CA CYS A 3 -11.19 -2.40 6.05
C CYS A 3 -10.71 -1.86 4.71
N ILE A 4 -11.52 -0.98 4.12
CA ILE A 4 -11.18 -0.39 2.83
C ILE A 4 -9.95 0.52 2.95
N ALA A 5 -9.85 1.23 4.06
CA ALA A 5 -8.73 2.12 4.31
C ALA A 5 -7.44 1.34 4.53
N LYS A 6 -7.54 0.25 5.28
CA LYS A 6 -6.38 -0.58 5.57
C LYS A 6 -5.91 -1.32 4.33
N ALA A 7 -6.86 -1.71 3.48
CA ALA A 7 -6.54 -2.42 2.25
C ALA A 7 -5.67 -1.57 1.34
N ILE A 8 -6.16 -0.37 1.01
CA ILE A 8 -5.41 0.55 0.16
C ILE A 8 -4.06 0.89 0.75
N LEU A 9 -4.00 0.98 2.07
CA LEU A 9 -2.76 1.30 2.76
C LEU A 9 -1.66 0.31 2.40
N LYS A 10 -1.94 -0.98 2.58
CA LYS A 10 -0.99 -2.02 2.26
C LYS A 10 -0.59 -1.98 0.79
N LYS A 11 -1.56 -1.66 -0.07
CA LYS A 11 -1.33 -1.58 -1.50
C LYS A 11 -0.36 -0.45 -1.83
N ALA A 12 -0.65 0.74 -1.33
CA ALA A 12 0.20 1.90 -1.57
C ALA A 12 1.65 1.61 -1.18
N LYS A 13 1.83 0.83 -0.13
CA LYS A 13 3.16 0.48 0.34
C LYS A 13 3.89 -0.38 -0.69
N LYS A 14 3.45 -1.63 -0.83
CA LYS A 14 4.06 -2.55 -1.78
C LYS A 14 4.16 -1.92 -3.17
N LEU A 15 3.16 -1.10 -3.51
CA LEU A 15 3.13 -0.43 -4.80
C LEU A 15 4.41 0.38 -5.02
N LEU A 16 4.75 1.22 -4.05
CA LEU A 16 5.93 2.05 -4.13
C LEU A 16 7.20 1.19 -4.15
N LYS A 17 7.11 0.02 -3.55
CA LYS A 17 8.25 -0.90 -3.51
C LYS A 17 8.48 -1.55 -4.86
N LYS A 18 7.47 -2.25 -5.36
CA LYS A 18 7.56 -2.91 -6.65
C LYS A 18 8.05 -1.95 -7.73
N LEU A 19 7.68 -0.68 -7.59
CA LEU A 19 8.10 0.34 -8.55
C LEU A 19 9.41 0.98 -8.14
N VAL A 20 9.36 1.87 -7.16
CA VAL A 20 10.55 2.55 -6.68
C VAL A 20 11.54 1.56 -6.07
N ASN A 21 11.09 0.83 -5.05
CA ASN A 21 11.93 -0.16 -4.38
C ASN A 21 13.11 0.51 -3.69
N PRO A 22 12.80 1.34 -2.68
CA PRO A 22 13.83 2.06 -1.92
C PRO A 22 14.66 1.12 -1.04
N LYS A 1 -9.71 0.11 11.66
CA LYS A 1 -11.17 0.23 11.69
C LYS A 1 -11.75 0.21 10.28
N LYS A 2 -11.08 0.90 9.37
CA LYS A 2 -11.53 0.96 7.97
C LYS A 2 -10.89 -0.15 7.16
N CYS A 3 -11.73 -0.95 6.51
CA CYS A 3 -11.24 -2.05 5.69
C CYS A 3 -10.74 -1.55 4.33
N ILE A 4 -11.54 -0.69 3.70
CA ILE A 4 -11.18 -0.13 2.41
C ILE A 4 -9.94 0.74 2.51
N ALA A 5 -9.83 1.49 3.61
CA ALA A 5 -8.68 2.36 3.82
C ALA A 5 -7.42 1.54 4.10
N LYS A 6 -7.56 0.47 4.87
CA LYS A 6 -6.44 -0.39 5.20
C LYS A 6 -5.95 -1.14 3.98
N ALA A 7 -6.87 -1.53 3.11
CA ALA A 7 -6.53 -2.25 1.90
C ALA A 7 -5.63 -1.42 0.98
N ILE A 8 -6.11 -0.23 0.63
CA ILE A 8 -5.35 0.68 -0.23
C ILE A 8 -4.00 1.01 0.38
N LEU A 9 -3.95 1.10 1.70
CA LEU A 9 -2.71 1.41 2.41
C LEU A 9 -1.62 0.40 2.06
N LYS A 10 -1.88 -0.86 2.31
CA LYS A 10 -0.93 -1.93 2.01
C LYS A 10 -0.53 -1.90 0.54
N LYS A 11 -1.48 -1.56 -0.32
CA LYS A 11 -1.22 -1.49 -1.76
C LYS A 11 -0.21 -0.39 -2.08
N ALA A 12 -0.44 0.79 -1.52
CA ALA A 12 0.45 1.92 -1.74
C ALA A 12 1.89 1.58 -1.39
N LYS A 13 2.05 0.81 -0.31
CA LYS A 13 3.38 0.40 0.14
C LYS A 13 4.06 -0.47 -0.91
N LYS A 14 3.57 -1.70 -1.08
CA LYS A 14 4.13 -2.63 -2.04
C LYS A 14 4.25 -1.97 -3.42
N LEU A 15 3.30 -1.11 -3.75
CA LEU A 15 3.31 -0.41 -5.03
C LEU A 15 4.61 0.34 -5.23
N LEU A 16 4.98 1.15 -4.24
CA LEU A 16 6.22 1.92 -4.32
C LEU A 16 7.44 1.00 -4.36
N LYS A 17 7.31 -0.18 -3.77
CA LYS A 17 8.39 -1.15 -3.74
C LYS A 17 8.59 -1.79 -5.12
N LYS A 18 7.54 -2.43 -5.62
CA LYS A 18 7.60 -3.07 -6.93
C LYS A 18 8.14 -2.12 -7.99
N LEU A 19 7.83 -0.83 -7.82
CA LEU A 19 8.28 0.18 -8.76
C LEU A 19 9.64 0.75 -8.36
N VAL A 20 9.63 1.62 -7.36
CA VAL A 20 10.86 2.24 -6.86
C VAL A 20 11.79 1.19 -6.27
N ASN A 21 11.30 0.46 -5.27
CA ASN A 21 12.09 -0.58 -4.62
C ASN A 21 13.31 0.03 -3.92
N PRO A 22 13.05 0.85 -2.89
CA PRO A 22 14.11 1.50 -2.12
C PRO A 22 14.89 0.53 -1.26
N LYS A 1 -11.78 2.21 12.82
CA LYS A 1 -11.13 1.25 11.94
C LYS A 1 -11.81 1.19 10.58
N LYS A 2 -11.02 1.24 9.52
CA LYS A 2 -11.56 1.18 8.16
C LYS A 2 -11.01 -0.01 7.40
N CYS A 3 -11.90 -0.80 6.81
CA CYS A 3 -11.50 -1.98 6.05
C CYS A 3 -11.02 -1.59 4.66
N ILE A 4 -11.84 -0.82 3.95
CA ILE A 4 -11.50 -0.38 2.60
C ILE A 4 -10.23 0.48 2.60
N ALA A 5 -10.09 1.31 3.64
CA ALA A 5 -8.93 2.18 3.75
C ALA A 5 -7.67 1.37 4.06
N LYS A 6 -7.80 0.41 4.97
CA LYS A 6 -6.67 -0.44 5.35
C LYS A 6 -6.15 -1.22 4.15
N ALA A 7 -7.06 -1.64 3.27
CA ALA A 7 -6.69 -2.38 2.08
C ALA A 7 -5.84 -1.54 1.13
N ILE A 8 -6.44 -0.45 0.64
CA ILE A 8 -5.73 0.45 -0.27
C ILE A 8 -4.39 0.88 0.31
N LEU A 9 -4.34 1.04 1.62
CA LEU A 9 -3.11 1.45 2.29
C LEU A 9 -1.98 0.47 2.01
N LYS A 10 -2.21 -0.80 2.34
CA LYS A 10 -1.22 -1.85 2.11
C LYS A 10 -0.76 -1.86 0.66
N LYS A 11 -1.68 -1.58 -0.26
CA LYS A 11 -1.38 -1.55 -1.68
C LYS A 11 -0.43 -0.41 -2.01
N ALA A 12 -0.72 0.78 -1.46
CA ALA A 12 0.11 1.95 -1.70
C ALA A 12 1.56 1.68 -1.31
N LYS A 13 1.75 0.98 -0.21
CA LYS A 13 3.09 0.66 0.28
C LYS A 13 3.82 -0.25 -0.71
N LYS A 14 3.36 -1.48 -0.84
CA LYS A 14 3.96 -2.45 -1.74
C LYS A 14 4.11 -1.85 -3.14
N LEU A 15 3.14 -1.02 -3.53
CA LEU A 15 3.17 -0.39 -4.85
C LEU A 15 4.46 0.39 -5.05
N LEU A 16 4.79 1.24 -4.09
CA LEU A 16 6.00 2.05 -4.15
C LEU A 16 7.24 1.17 -4.13
N LYS A 17 7.12 0.00 -3.49
CA LYS A 17 8.23 -0.93 -3.39
C LYS A 17 8.48 -1.62 -4.74
N LYS A 18 7.47 -2.31 -5.24
CA LYS A 18 7.58 -3.01 -6.51
C LYS A 18 8.12 -2.09 -7.59
N LEU A 19 7.77 -0.81 -7.50
CA LEU A 19 8.23 0.18 -8.48
C LEU A 19 9.55 0.80 -8.06
N VAL A 20 9.49 1.71 -7.09
CA VAL A 20 10.70 2.38 -6.60
C VAL A 20 11.64 1.38 -5.94
N ASN A 21 11.15 0.69 -4.93
CA ASN A 21 11.95 -0.30 -4.21
C ASN A 21 13.12 0.37 -3.50
N PRO A 22 12.82 1.23 -2.52
CA PRO A 22 13.84 1.95 -1.75
C PRO A 22 14.63 1.02 -0.83
N LYS A 1 -10.10 2.95 12.71
CA LYS A 1 -10.36 1.59 12.25
C LYS A 1 -11.18 1.60 10.96
N LYS A 2 -10.49 1.46 9.83
CA LYS A 2 -11.15 1.46 8.53
C LYS A 2 -10.61 0.32 7.66
N CYS A 3 -11.51 -0.37 6.97
CA CYS A 3 -11.12 -1.48 6.10
C CYS A 3 -10.66 -0.96 4.74
N ILE A 4 -11.52 -0.18 4.09
CA ILE A 4 -11.20 0.37 2.78
C ILE A 4 -9.89 1.14 2.81
N ALA A 5 -9.70 1.92 3.87
CA ALA A 5 -8.47 2.71 4.03
C ALA A 5 -7.28 1.81 4.31
N LYS A 6 -7.44 0.89 5.26
CA LYS A 6 -6.38 -0.04 5.62
C LYS A 6 -5.89 -0.81 4.41
N ALA A 7 -6.81 -1.15 3.51
CA ALA A 7 -6.47 -1.89 2.31
C ALA A 7 -5.59 -1.06 1.39
N ILE A 8 -6.12 0.05 0.89
CA ILE A 8 -5.37 0.92 0.00
C ILE A 8 -4.02 1.30 0.60
N LEU A 9 -3.99 1.44 1.92
CA LEU A 9 -2.75 1.79 2.62
C LEU A 9 -1.66 0.77 2.34
N LYS A 10 -1.95 -0.49 2.64
CA LYS A 10 -0.99 -1.56 2.42
C LYS A 10 -0.60 -1.66 0.94
N LYS A 11 -1.56 -1.39 0.06
CA LYS A 11 -1.31 -1.44 -1.37
C LYS A 11 -0.36 -0.33 -1.80
N ALA A 12 -0.62 0.89 -1.33
CA ALA A 12 0.21 2.04 -1.65
C ALA A 12 1.68 1.76 -1.30
N LYS A 13 1.89 1.09 -0.18
CA LYS A 13 3.24 0.77 0.28
C LYS A 13 3.93 -0.18 -0.69
N LYS A 14 3.46 -1.42 -0.73
CA LYS A 14 4.02 -2.43 -1.62
C LYS A 14 4.11 -1.91 -3.05
N LEU A 15 3.14 -1.09 -3.44
CA LEU A 15 3.11 -0.52 -4.79
C LEU A 15 4.41 0.24 -5.08
N LEU A 16 4.77 1.14 -4.18
CA LEU A 16 5.99 1.93 -4.33
C LEU A 16 7.22 1.03 -4.31
N LYS A 17 7.12 -0.09 -3.61
CA LYS A 17 8.24 -1.03 -3.51
C LYS A 17 8.43 -1.79 -4.82
N LYS A 18 7.38 -2.49 -5.25
CA LYS A 18 7.44 -3.26 -6.49
C LYS A 18 7.94 -2.39 -7.65
N LEU A 19 7.61 -1.10 -7.60
CA LEU A 19 8.03 -0.17 -8.64
C LEU A 19 9.38 0.45 -8.29
N VAL A 20 9.37 1.42 -7.39
CA VAL A 20 10.58 2.10 -6.96
C VAL A 20 11.55 1.13 -6.29
N ASN A 21 11.09 0.48 -5.23
CA ASN A 21 11.92 -0.47 -4.50
C ASN A 21 13.12 0.22 -3.87
N PRO A 22 12.86 1.13 -2.92
CA PRO A 22 13.91 1.87 -2.22
C PRO A 22 14.73 0.99 -1.29
#